data_9B9L
#
_entry.id   9B9L
#
_cell.length_a   66.317
_cell.length_b   90.231
_cell.length_c   135.074
_cell.angle_alpha   90.00
_cell.angle_beta   90.00
_cell.angle_gamma   90.00
#
_symmetry.space_group_name_H-M   'C 2 2 21'
#
loop_
_entity.id
_entity.type
_entity.pdbx_description
1 polymer 'Regulation of nuclear pre-mRNA domain-containing protein 1B'
2 polymer SER-PRO-THR-SER-PRO-SER-TYR-SER-PRO-TPO-SER-PRO-SER-TYR-SER
3 water water
#
loop_
_entity_poly.entity_id
_entity_poly.type
_entity_poly.pdbx_seq_one_letter_code
_entity_poly.pdbx_strand_id
1 'polypeptide(L)'
;SFSESALEKKLSELSNSQHSVQTLSLWLIHHRKHAGPIVSVWHRELRKAKSNRKLTFLYLANDVIQNSKRKGPEFTREFE
SVLVDAFSHVAREADEGCKKPLERLLNIWQERSVYGGEFIQQLKLSMEDSK
;
A,B
2 'polypeptide(L)' SPTSPSYSP(TPO)SPSYS C
#
# COMPACT_ATOMS: atom_id res chain seq x y z
N SER A 1 10.65 4.39 -20.16
CA SER A 1 11.60 4.37 -19.04
C SER A 1 10.84 4.34 -17.71
N PHE A 2 11.01 3.27 -16.94
CA PHE A 2 10.27 3.16 -15.70
C PHE A 2 10.78 4.16 -14.66
N SER A 3 9.85 4.75 -13.91
CA SER A 3 10.17 5.58 -12.76
C SER A 3 8.96 5.51 -11.83
N GLU A 4 9.18 5.17 -10.56
CA GLU A 4 8.07 5.09 -9.62
C GLU A 4 7.25 6.37 -9.63
N SER A 5 7.91 7.53 -9.55
CA SER A 5 7.15 8.78 -9.45
C SER A 5 6.36 9.07 -10.72
N ALA A 6 6.74 8.47 -11.86
CA ALA A 6 5.94 8.65 -13.06
C ALA A 6 4.66 7.82 -12.98
N LEU A 7 4.78 6.58 -12.52
CA LEU A 7 3.62 5.74 -12.24
C LEU A 7 2.62 6.45 -11.34
N GLU A 8 3.08 7.00 -10.22
CA GLU A 8 2.18 7.77 -9.37
C GLU A 8 1.43 8.83 -10.18
N LYS A 9 2.08 9.39 -11.19
CA LYS A 9 1.46 10.42 -12.02
C LYS A 9 0.39 9.81 -12.93
N LYS A 10 0.81 8.87 -13.79
CA LYS A 10 -0.12 8.12 -14.62
C LYS A 10 -1.32 7.65 -13.80
N LEU A 11 -1.08 7.04 -12.63
CA LEU A 11 -2.18 6.64 -11.76
C LEU A 11 -3.09 7.81 -11.44
N SER A 12 -2.51 8.90 -10.94
CA SER A 12 -3.27 10.12 -10.70
C SER A 12 -4.10 10.54 -11.91
N GLU A 13 -3.63 10.23 -13.12
CA GLU A 13 -4.28 10.66 -14.35
C GLU A 13 -5.28 9.63 -14.90
N LEU A 14 -5.11 8.36 -14.55
CA LEU A 14 -5.99 7.27 -14.96
C LEU A 14 -7.45 7.69 -14.90
N SER A 15 -8.11 7.65 -16.05
CA SER A 15 -9.55 7.88 -16.10
C SER A 15 -10.27 6.54 -16.21
N ASN A 16 -11.57 6.61 -16.34
CA ASN A 16 -12.37 5.39 -16.39
C ASN A 16 -12.50 4.81 -17.81
N SER A 17 -12.03 5.53 -18.83
CA SER A 17 -12.24 5.14 -20.22
C SER A 17 -11.59 3.79 -20.55
N GLN A 18 -12.08 3.17 -21.63
CA GLN A 18 -11.49 1.94 -22.11
C GLN A 18 -10.07 2.17 -22.64
N HIS A 19 -9.82 3.38 -23.14
CA HIS A 19 -8.49 3.70 -23.65
C HIS A 19 -7.50 3.93 -22.52
N SER A 20 -7.87 4.78 -21.55
CA SER A 20 -6.97 5.08 -20.43
C SER A 20 -6.49 3.80 -19.77
N VAL A 21 -7.42 2.96 -19.31
CA VAL A 21 -7.04 1.72 -18.64
C VAL A 21 -6.17 0.85 -19.56
N GLN A 22 -6.51 0.80 -20.85
CA GLN A 22 -5.88 -0.24 -21.65
C GLN A 22 -4.45 0.10 -22.04
N THR A 23 -4.10 1.39 -22.13
CA THR A 23 -2.73 1.78 -22.50
C THR A 23 -1.84 2.10 -21.31
N LEU A 24 -2.42 2.49 -20.18
CA LEU A 24 -1.68 2.43 -18.94
C LEU A 24 -1.30 0.99 -18.61
N SER A 25 -2.25 0.08 -18.77
CA SER A 25 -1.98 -1.34 -18.52
C SER A 25 -0.91 -1.89 -19.45
N LEU A 26 -0.83 -1.35 -20.67
CA LEU A 26 0.26 -1.75 -21.56
C LEU A 26 1.60 -1.21 -21.06
N TRP A 27 1.63 0.05 -20.61
CA TRP A 27 2.88 0.60 -20.07
C TRP A 27 3.41 -0.29 -18.96
N LEU A 28 2.54 -0.66 -18.03
CA LEU A 28 2.98 -1.49 -16.91
C LEU A 28 3.56 -2.83 -17.37
N ILE A 29 2.99 -3.46 -18.40
CA ILE A 29 3.51 -4.79 -18.78
C ILE A 29 4.83 -4.63 -19.52
N HIS A 30 5.03 -3.51 -20.21
CA HIS A 30 6.34 -3.21 -20.79
C HIS A 30 7.43 -3.30 -19.73
N HIS A 31 7.10 -2.96 -18.50
CA HIS A 31 8.03 -2.96 -17.39
C HIS A 31 7.71 -4.10 -16.41
N ARG A 32 7.33 -5.26 -16.93
CA ARG A 32 7.04 -6.40 -16.06
C ARG A 32 8.21 -6.70 -15.12
N LYS A 33 9.44 -6.33 -15.54
CA LYS A 33 10.62 -6.41 -14.68
C LYS A 33 10.45 -5.65 -13.37
N HIS A 34 9.55 -4.67 -13.33
CA HIS A 34 9.37 -3.82 -12.17
C HIS A 34 8.06 -4.11 -11.44
N ALA A 35 7.67 -5.38 -11.42
CA ALA A 35 6.32 -5.75 -11.01
C ALA A 35 6.09 -5.49 -9.53
N GLY A 36 7.04 -5.88 -8.69
CA GLY A 36 6.95 -5.64 -7.26
C GLY A 36 6.77 -4.18 -6.88
N PRO A 37 7.63 -3.29 -7.42
CA PRO A 37 7.42 -1.86 -7.10
C PRO A 37 6.12 -1.33 -7.65
N ILE A 38 5.80 -1.70 -8.89
CA ILE A 38 4.57 -1.25 -9.54
C ILE A 38 3.36 -1.56 -8.65
N VAL A 39 3.28 -2.80 -8.16
CA VAL A 39 2.07 -3.20 -7.44
C VAL A 39 1.98 -2.48 -6.10
N SER A 40 3.13 -2.27 -5.46
CA SER A 40 3.20 -1.69 -4.13
C SER A 40 2.77 -0.23 -4.13
N VAL A 41 3.01 0.49 -5.24
CA VAL A 41 2.60 1.88 -5.34
C VAL A 41 1.17 2.00 -5.83
N TRP A 42 0.74 1.05 -6.69
CA TRP A 42 -0.67 0.89 -7.02
C TRP A 42 -1.46 0.74 -5.74
N HIS A 43 -1.00 -0.16 -4.85
CA HIS A 43 -1.67 -0.38 -3.57
C HIS A 43 -1.69 0.90 -2.74
N ARG A 44 -0.69 1.76 -2.90
CA ARG A 44 -0.65 2.98 -2.09
C ARG A 44 -1.54 4.05 -2.70
N GLU A 45 -1.38 4.27 -4.00
CA GLU A 45 -2.25 5.23 -4.71
C GLU A 45 -3.70 4.77 -4.73
N LEU A 46 -3.95 3.46 -4.89
CA LEU A 46 -5.33 2.96 -4.72
C LEU A 46 -5.96 3.45 -3.43
N ARG A 47 -5.26 3.24 -2.31
CA ARG A 47 -5.86 3.53 -1.03
C ARG A 47 -6.00 5.03 -0.83
N LYS A 48 -5.27 5.83 -1.61
CA LYS A 48 -5.36 7.29 -1.57
C LYS A 48 -6.48 7.82 -2.45
N ALA A 49 -6.80 7.14 -3.56
CA ALA A 49 -7.84 7.62 -4.46
C ALA A 49 -9.19 7.72 -3.75
N LYS A 50 -10.04 8.62 -4.25
CA LYS A 50 -11.45 8.69 -3.84
C LYS A 50 -12.21 7.42 -4.27
N SER A 51 -13.41 7.27 -3.71
CA SER A 51 -14.15 6.01 -3.88
C SER A 51 -14.62 5.80 -5.32
N ASN A 52 -14.83 6.86 -6.08
CA ASN A 52 -15.31 6.71 -7.45
C ASN A 52 -14.23 6.19 -8.39
N ARG A 53 -12.97 6.30 -7.97
CA ARG A 53 -11.84 5.81 -8.75
C ARG A 53 -11.26 4.51 -8.24
N LYS A 54 -11.68 4.05 -7.05
CA LYS A 54 -11.11 2.83 -6.48
C LYS A 54 -11.38 1.65 -7.40
N LEU A 55 -12.66 1.50 -7.78
CA LEU A 55 -13.09 0.59 -8.83
C LEU A 55 -12.18 0.64 -10.06
N THR A 56 -11.95 1.84 -10.61
CA THR A 56 -11.12 1.97 -11.80
C THR A 56 -9.72 1.39 -11.61
N PHE A 57 -9.14 1.56 -10.41
CA PHE A 57 -7.84 0.95 -10.10
C PHE A 57 -7.94 -0.57 -10.17
N LEU A 58 -8.96 -1.16 -9.54
CA LEU A 58 -9.19 -2.59 -9.70
C LEU A 58 -9.37 -2.97 -11.18
N TYR A 59 -9.87 -2.06 -12.02
CA TYR A 59 -9.99 -2.40 -13.44
C TYR A 59 -8.67 -2.27 -14.18
N LEU A 60 -7.75 -1.46 -13.64
CA LEU A 60 -6.38 -1.50 -14.13
C LEU A 60 -5.76 -2.84 -13.77
N ALA A 61 -5.98 -3.27 -12.53
CA ALA A 61 -5.42 -4.55 -12.09
C ALA A 61 -5.77 -5.63 -13.08
N ASN A 62 -7.07 -5.87 -13.23
CA ASN A 62 -7.65 -6.70 -14.28
C ASN A 62 -6.91 -6.69 -15.60
N ASP A 63 -6.84 -5.53 -16.25
CA ASP A 63 -6.28 -5.53 -17.59
C ASP A 63 -4.77 -5.87 -17.59
N VAL A 64 -4.02 -5.58 -16.50
CA VAL A 64 -2.61 -6.01 -16.48
C VAL A 64 -2.49 -7.47 -16.03
N ILE A 65 -3.25 -7.88 -15.00
CA ILE A 65 -3.17 -9.26 -14.56
C ILE A 65 -3.46 -10.20 -15.71
N GLN A 66 -4.49 -9.86 -16.50
CA GLN A 66 -4.99 -10.73 -17.56
C GLN A 66 -4.05 -10.76 -18.76
N ASN A 67 -3.58 -9.60 -19.20
CA ASN A 67 -2.67 -9.51 -20.34
C ASN A 67 -1.21 -9.77 -19.99
N SER A 68 -0.83 -9.70 -18.72
CA SER A 68 0.54 -10.07 -18.39
C SER A 68 0.77 -11.56 -18.54
N LYS A 69 -0.29 -12.35 -18.72
CA LYS A 69 -0.13 -13.79 -18.64
C LYS A 69 0.49 -14.35 -19.92
N ARG A 70 0.30 -13.69 -21.06
CA ARG A 70 1.01 -14.05 -22.27
C ARG A 70 2.50 -13.74 -22.20
N LYS A 71 2.94 -13.03 -21.15
CA LYS A 71 4.31 -12.55 -20.97
C LYS A 71 5.04 -13.23 -19.82
N GLY A 72 4.32 -13.70 -18.81
CA GLY A 72 4.92 -14.35 -17.67
C GLY A 72 4.04 -14.19 -16.45
N PRO A 73 4.31 -14.94 -15.38
CA PRO A 73 3.50 -14.84 -14.17
C PRO A 73 4.01 -13.81 -13.16
N GLU A 74 4.45 -12.63 -13.62
CA GLU A 74 4.97 -11.65 -12.66
C GLU A 74 3.81 -10.99 -11.91
N PHE A 75 3.01 -10.16 -12.62
CA PHE A 75 1.98 -9.37 -11.95
C PHE A 75 0.92 -10.27 -11.33
N THR A 76 0.58 -11.38 -12.00
CA THR A 76 -0.25 -12.40 -11.38
C THR A 76 0.27 -12.76 -9.99
N ARG A 77 1.56 -13.08 -9.91
CA ARG A 77 2.20 -13.41 -8.64
C ARG A 77 2.24 -12.22 -7.69
N GLU A 78 2.57 -11.03 -8.20
CA GLU A 78 2.69 -9.89 -7.30
C GLU A 78 1.34 -9.52 -6.69
N PHE A 79 0.26 -9.64 -7.47
CA PHE A 79 -1.02 -9.06 -7.06
C PHE A 79 -1.74 -9.89 -6.00
N GLU A 80 -1.49 -11.19 -5.89
CA GLU A 80 -2.27 -12.01 -4.98
C GLU A 80 -2.01 -11.62 -3.51
N SER A 81 -0.75 -11.33 -3.16
CA SER A 81 -0.41 -10.94 -1.80
C SER A 81 -0.99 -9.56 -1.45
N VAL A 82 -1.71 -8.98 -2.41
CA VAL A 82 -2.31 -7.65 -2.25
C VAL A 82 -3.83 -7.69 -2.42
N LEU A 83 -4.34 -8.46 -3.38
CA LEU A 83 -5.75 -8.33 -3.75
C LEU A 83 -6.68 -8.60 -2.58
N VAL A 84 -6.30 -9.48 -1.64
CA VAL A 84 -7.23 -9.68 -0.53
C VAL A 84 -7.37 -8.42 0.29
N ASP A 85 -6.36 -7.55 0.27
CA ASP A 85 -6.48 -6.28 0.96
C ASP A 85 -7.25 -5.27 0.10
N ALA A 86 -6.86 -5.14 -1.16
CA ALA A 86 -7.46 -4.13 -2.03
C ALA A 86 -8.97 -4.32 -2.11
N PHE A 87 -9.42 -5.53 -2.41
CA PHE A 87 -10.84 -5.79 -2.42
C PHE A 87 -11.45 -5.43 -1.09
N SER A 88 -11.01 -6.08 0.00
CA SER A 88 -11.64 -5.84 1.29
C SER A 88 -11.69 -4.35 1.63
N HIS A 89 -10.63 -3.60 1.27
CA HIS A 89 -10.63 -2.14 1.44
C HIS A 89 -11.73 -1.46 0.62
N VAL A 90 -11.79 -1.77 -0.68
CA VAL A 90 -12.80 -1.16 -1.56
C VAL A 90 -14.22 -1.63 -1.21
N ALA A 91 -14.37 -2.84 -0.68
CA ALA A 91 -15.66 -3.28 -0.14
C ALA A 91 -16.26 -2.24 0.80
N ARG A 92 -15.50 -1.84 1.82
CA ARG A 92 -15.87 -0.68 2.63
C ARG A 92 -15.62 0.58 1.81
N GLU A 93 -16.04 1.72 2.31
CA GLU A 93 -15.98 2.96 1.53
C GLU A 93 -16.89 2.87 0.32
N ALA A 94 -17.33 1.65 -0.02
CA ALA A 94 -18.57 1.42 -0.74
C ALA A 94 -19.65 1.29 0.32
N ASP A 95 -19.55 2.13 1.34
CA ASP A 95 -20.51 2.12 2.42
C ASP A 95 -21.90 2.49 1.91
N GLU A 96 -22.01 3.63 1.20
CA GLU A 96 -23.30 4.06 0.67
C GLU A 96 -23.29 3.90 -0.84
N GLY A 97 -22.96 2.71 -1.31
CA GLY A 97 -22.83 2.40 -2.73
C GLY A 97 -22.88 0.91 -3.01
N CYS A 98 -22.56 0.57 -4.25
CA CYS A 98 -22.95 -0.71 -4.87
C CYS A 98 -21.75 -1.64 -5.02
N LYS A 99 -21.83 -2.83 -4.42
CA LYS A 99 -20.79 -3.83 -4.56
C LYS A 99 -21.11 -4.85 -5.65
N LYS A 100 -22.16 -4.63 -6.43
CA LYS A 100 -22.40 -5.50 -7.58
C LYS A 100 -21.27 -5.47 -8.61
N PRO A 101 -20.60 -4.36 -8.91
CA PRO A 101 -19.51 -4.43 -9.90
C PRO A 101 -18.28 -5.18 -9.41
N LEU A 102 -18.06 -5.22 -8.09
CA LEU A 102 -16.96 -5.96 -7.50
C LEU A 102 -17.26 -7.45 -7.48
N GLU A 103 -18.54 -7.80 -7.26
CA GLU A 103 -18.97 -9.19 -7.27
C GLU A 103 -19.01 -9.75 -8.68
N ARG A 104 -19.08 -8.89 -9.69
CA ARG A 104 -18.98 -9.39 -11.05
C ARG A 104 -17.53 -9.61 -11.44
N LEU A 105 -16.64 -8.74 -10.97
CA LEU A 105 -15.23 -8.86 -11.31
C LEU A 105 -14.66 -10.17 -10.74
N LEU A 106 -15.05 -10.52 -9.52
CA LEU A 106 -14.79 -11.87 -9.03
C LEU A 106 -15.41 -12.96 -9.90
N ASN A 107 -16.55 -12.71 -10.53
CA ASN A 107 -17.13 -13.78 -11.31
C ASN A 107 -16.46 -13.91 -12.67
N ILE A 108 -16.11 -12.79 -13.33
CA ILE A 108 -15.32 -12.92 -14.54
C ILE A 108 -13.90 -13.36 -14.27
N TRP A 109 -13.52 -13.45 -12.98
CA TRP A 109 -12.22 -13.96 -12.58
C TRP A 109 -12.23 -15.47 -12.34
N GLN A 110 -13.24 -16.00 -11.62
CA GLN A 110 -13.31 -17.46 -11.56
C GLN A 110 -13.74 -18.04 -12.89
N GLU A 111 -14.47 -17.28 -13.72
CA GLU A 111 -14.86 -17.78 -15.03
C GLU A 111 -13.65 -17.97 -15.92
N ARG A 112 -12.83 -16.93 -16.06
CA ARG A 112 -11.63 -17.08 -16.86
C ARG A 112 -10.52 -17.76 -16.07
N SER A 113 -10.75 -17.96 -14.78
CA SER A 113 -9.82 -18.64 -13.88
C SER A 113 -8.46 -17.93 -13.83
N VAL A 114 -8.51 -16.58 -13.82
CA VAL A 114 -7.30 -15.77 -13.76
C VAL A 114 -6.50 -16.09 -12.51
N TYR A 115 -7.20 -16.34 -11.41
CA TYR A 115 -6.64 -16.88 -10.18
C TYR A 115 -7.34 -18.21 -9.95
N GLY A 116 -7.13 -18.78 -8.76
CA GLY A 116 -7.54 -20.13 -8.47
C GLY A 116 -8.65 -20.15 -7.43
N GLY A 117 -9.25 -21.33 -7.31
CA GLY A 117 -10.55 -21.41 -6.67
C GLY A 117 -10.53 -20.92 -5.23
N GLU A 118 -9.54 -21.39 -4.46
CA GLU A 118 -9.46 -20.95 -3.07
C GLU A 118 -9.17 -19.47 -2.97
N PHE A 119 -8.52 -18.87 -3.98
CA PHE A 119 -8.22 -17.45 -3.92
C PHE A 119 -9.33 -16.57 -4.47
N ILE A 120 -10.12 -17.05 -5.42
CA ILE A 120 -11.34 -16.34 -5.76
C ILE A 120 -12.24 -16.28 -4.53
N GLN A 121 -12.40 -17.39 -3.84
CA GLN A 121 -12.80 -17.29 -2.45
C GLN A 121 -11.71 -16.58 -1.64
N GLN A 122 -12.07 -16.05 -0.48
CA GLN A 122 -11.27 -15.06 0.24
C GLN A 122 -11.32 -13.74 -0.49
N LEU A 123 -11.23 -13.73 -1.83
CA LEU A 123 -11.58 -12.50 -2.52
C LEU A 123 -13.08 -12.22 -2.37
N LYS A 124 -13.94 -13.25 -2.55
CA LYS A 124 -15.37 -13.05 -2.29
C LYS A 124 -15.66 -12.71 -0.83
N LEU A 125 -15.10 -13.48 0.10
CA LEU A 125 -15.39 -13.21 1.51
C LEU A 125 -14.57 -12.07 2.10
N SER A 126 -13.60 -11.49 1.38
CA SER A 126 -13.04 -10.23 1.84
C SER A 126 -14.09 -9.13 1.87
N MET A 127 -15.24 -9.35 1.27
CA MET A 127 -16.31 -8.37 1.28
C MET A 127 -17.62 -9.02 1.69
N SER B 1 -6.48 -12.55 13.76
CA SER B 1 -6.54 -11.25 14.40
C SER B 1 -6.20 -10.10 13.43
N PHE B 2 -5.52 -10.38 12.33
CA PHE B 2 -5.06 -9.32 11.45
C PHE B 2 -6.23 -8.59 10.80
N SER B 3 -6.30 -7.28 11.05
CA SER B 3 -7.52 -6.49 10.84
C SER B 3 -7.20 -5.01 10.94
N GLU B 4 -7.84 -4.21 10.07
CA GLU B 4 -7.59 -2.77 10.09
C GLU B 4 -8.15 -2.13 11.36
N SER B 5 -9.38 -2.47 11.74
CA SER B 5 -9.90 -1.92 13.00
C SER B 5 -9.06 -2.37 14.18
N ALA B 6 -8.58 -3.62 14.15
CA ALA B 6 -7.73 -4.09 15.22
C ALA B 6 -6.49 -3.20 15.30
N LEU B 7 -5.85 -2.93 14.16
CA LEU B 7 -4.70 -2.05 14.10
C LEU B 7 -4.98 -0.71 14.78
N GLU B 8 -6.04 -0.02 14.36
CA GLU B 8 -6.32 1.31 14.91
C GLU B 8 -6.56 1.26 16.42
N LYS B 9 -7.17 0.19 16.92
CA LYS B 9 -7.39 0.10 18.37
C LYS B 9 -6.07 -0.09 19.11
N LYS B 10 -5.28 -1.08 18.69
CA LYS B 10 -3.96 -1.30 19.26
C LYS B 10 -3.07 -0.06 19.19
N LEU B 11 -3.29 0.80 18.19
CA LEU B 11 -2.59 2.07 18.09
C LEU B 11 -3.13 3.13 19.04
N SER B 12 -4.43 3.07 19.35
CA SER B 12 -4.97 4.03 20.30
C SER B 12 -4.44 3.76 21.70
N GLU B 13 -3.99 2.54 21.98
CA GLU B 13 -3.52 2.12 23.29
C GLU B 13 -2.00 2.09 23.38
N LEU B 14 -1.31 2.55 22.34
CA LEU B 14 0.14 2.61 22.32
C LEU B 14 0.63 3.65 23.32
N SER B 15 1.32 3.20 24.36
CA SER B 15 1.95 4.10 25.32
C SER B 15 3.41 4.33 24.91
N ASN B 16 4.11 5.21 25.62
CA ASN B 16 5.52 5.46 25.33
C ASN B 16 6.45 4.51 26.07
N SER B 17 5.91 3.48 26.71
CA SER B 17 6.76 2.40 27.20
C SER B 17 7.29 1.61 26.02
N GLN B 18 8.56 1.22 26.09
CA GLN B 18 9.08 0.54 24.92
C GLN B 18 8.68 -0.93 24.93
N HIS B 19 8.20 -1.43 26.06
CA HIS B 19 7.45 -2.70 26.02
C HIS B 19 6.22 -2.58 25.13
N SER B 20 5.52 -1.44 25.17
CA SER B 20 4.41 -1.21 24.26
C SER B 20 4.89 -1.23 22.81
N VAL B 21 5.83 -0.36 22.46
CA VAL B 21 6.30 -0.31 21.09
C VAL B 21 6.89 -1.64 20.68
N GLN B 22 7.28 -2.49 21.64
CA GLN B 22 7.87 -3.77 21.27
C GLN B 22 6.80 -4.83 21.02
N THR B 23 5.64 -4.70 21.67
CA THR B 23 4.60 -5.72 21.50
C THR B 23 3.78 -5.48 20.23
N LEU B 24 3.36 -4.25 19.96
CA LEU B 24 2.92 -3.93 18.60
C LEU B 24 3.93 -4.37 17.56
N SER B 25 5.21 -4.02 17.72
CA SER B 25 6.15 -4.36 16.66
C SER B 25 6.12 -5.85 16.34
N LEU B 26 6.16 -6.70 17.37
CA LEU B 26 5.96 -8.14 17.19
C LEU B 26 4.71 -8.45 16.37
N TRP B 27 3.55 -8.01 16.86
CA TRP B 27 2.28 -8.23 16.17
C TRP B 27 2.37 -7.81 14.70
N LEU B 28 2.77 -6.56 14.46
CA LEU B 28 2.86 -6.06 13.11
C LEU B 28 3.89 -6.82 12.29
N ILE B 29 4.98 -7.27 12.94
CA ILE B 29 5.97 -8.11 12.26
C ILE B 29 5.34 -9.45 11.88
N HIS B 30 4.47 -9.96 12.75
CA HIS B 30 3.87 -11.25 12.50
C HIS B 30 2.87 -11.17 11.34
N HIS B 31 2.14 -10.06 11.23
CA HIS B 31 1.30 -9.73 10.09
C HIS B 31 2.03 -8.87 9.06
N ARG B 32 3.32 -9.15 8.85
CA ARG B 32 4.12 -8.31 7.98
C ARG B 32 3.66 -8.38 6.54
N LYS B 33 2.88 -9.41 6.20
CA LYS B 33 2.43 -9.58 4.83
C LYS B 33 1.38 -8.56 4.44
N HIS B 34 0.94 -7.71 5.37
CA HIS B 34 -0.07 -6.72 5.04
C HIS B 34 0.53 -5.34 5.25
N ALA B 35 1.77 -5.14 4.80
CA ALA B 35 2.59 -4.03 5.31
C ALA B 35 2.26 -2.71 4.66
N GLY B 36 1.74 -2.72 3.43
CA GLY B 36 1.28 -1.51 2.79
C GLY B 36 0.17 -0.89 3.61
N PRO B 37 -0.82 -1.69 3.98
CA PRO B 37 -1.91 -1.14 4.80
C PRO B 37 -1.47 -0.79 6.22
N ILE B 38 -0.68 -1.62 6.91
CA ILE B 38 -0.18 -1.24 8.24
C ILE B 38 0.45 0.16 8.20
N VAL B 39 1.34 0.38 7.24
CA VAL B 39 2.01 1.67 7.11
C VAL B 39 1.00 2.76 6.78
N SER B 40 0.08 2.48 5.84
CA SER B 40 -0.91 3.48 5.41
C SER B 40 -1.79 3.91 6.57
N VAL B 41 -2.21 2.96 7.42
CA VAL B 41 -3.08 3.30 8.56
C VAL B 41 -2.29 4.00 9.65
N TRP B 42 -1.03 3.58 9.86
CA TRP B 42 -0.20 4.24 10.87
C TRP B 42 0.10 5.68 10.47
N HIS B 43 0.32 5.95 9.18
CA HIS B 43 0.50 7.34 8.75
C HIS B 43 -0.73 8.15 9.07
N ARG B 44 -1.91 7.55 8.89
CA ARG B 44 -3.16 8.26 8.96
C ARG B 44 -3.58 8.49 10.41
N GLU B 45 -3.30 7.53 11.30
CA GLU B 45 -3.56 7.74 12.72
C GLU B 45 -2.52 8.66 13.36
N LEU B 46 -1.24 8.54 12.95
CA LEU B 46 -0.19 9.39 13.48
C LEU B 46 -0.49 10.86 13.22
N ARG B 47 -0.95 11.17 12.01
CA ARG B 47 -1.13 12.55 11.58
C ARG B 47 -2.36 13.17 12.17
N LYS B 48 -2.70 12.67 13.34
CA LYS B 48 -4.05 12.70 13.80
C LYS B 48 -4.13 12.39 15.29
N ALA B 49 -3.08 11.86 15.89
CA ALA B 49 -3.10 11.74 17.34
C ALA B 49 -2.59 13.02 17.98
N LYS B 50 -2.79 13.14 19.29
CA LYS B 50 -2.47 14.39 19.92
C LYS B 50 -0.96 14.46 20.22
N SER B 51 -0.47 15.70 20.38
CA SER B 51 0.95 16.03 20.23
C SER B 51 1.87 15.17 21.09
N ASN B 52 1.41 14.80 22.28
CA ASN B 52 2.24 14.02 23.20
C ASN B 52 2.66 12.66 22.60
N ARG B 53 1.84 12.04 21.75
CA ARG B 53 2.09 10.66 21.34
C ARG B 53 2.69 10.53 19.95
N LYS B 54 2.85 11.62 19.21
CA LYS B 54 3.30 11.53 17.82
C LYS B 54 4.70 10.93 17.71
N LEU B 55 5.64 11.30 18.61
CA LEU B 55 6.96 10.69 18.55
C LEU B 55 6.89 9.18 18.77
N THR B 56 6.00 8.72 19.66
CA THR B 56 5.96 7.28 19.93
C THR B 56 5.73 6.52 18.65
N PHE B 57 4.83 7.04 17.79
CA PHE B 57 4.50 6.43 16.51
C PHE B 57 5.75 6.20 15.70
N LEU B 58 6.65 7.18 15.72
CA LEU B 58 7.94 7.06 15.04
C LEU B 58 8.79 5.94 15.65
N TYR B 59 8.79 5.85 16.98
CA TYR B 59 9.62 4.83 17.63
C TYR B 59 9.05 3.44 17.41
N LEU B 60 7.72 3.32 17.44
CA LEU B 60 7.10 2.08 16.97
C LEU B 60 7.62 1.72 15.59
N ALA B 61 7.59 2.67 14.66
CA ALA B 61 8.14 2.44 13.34
C ALA B 61 9.62 2.06 13.43
N ASN B 62 10.44 2.93 14.01
CA ASN B 62 11.85 2.59 14.26
C ASN B 62 12.06 1.12 14.64
N ASP B 63 11.22 0.61 15.53
CA ASP B 63 11.31 -0.76 15.97
C ASP B 63 10.94 -1.73 14.84
N VAL B 64 9.77 -1.57 14.20
CA VAL B 64 9.33 -2.54 13.19
C VAL B 64 10.26 -2.55 11.97
N ILE B 65 10.85 -1.40 11.59
CA ILE B 65 11.79 -1.43 10.45
C ILE B 65 12.96 -2.33 10.78
N GLN B 66 13.61 -2.12 11.91
CA GLN B 66 14.88 -2.79 12.19
C GLN B 66 14.64 -4.29 12.31
N ASN B 67 13.60 -4.68 13.04
CA ASN B 67 13.29 -6.10 13.23
C ASN B 67 12.85 -6.80 11.95
N SER B 68 12.48 -6.05 10.91
CA SER B 68 11.88 -6.63 9.71
C SER B 68 12.93 -7.00 8.67
N LYS B 69 14.10 -6.39 8.70
CA LYS B 69 15.12 -6.75 7.74
C LYS B 69 15.70 -8.13 7.99
N ARG B 70 15.60 -8.66 9.21
CA ARG B 70 15.84 -10.09 9.40
C ARG B 70 14.86 -10.92 8.57
N LYS B 71 13.66 -10.37 8.30
CA LYS B 71 12.63 -11.08 7.53
C LYS B 71 12.58 -10.65 6.07
N GLY B 72 12.63 -9.34 5.79
CA GLY B 72 12.62 -8.84 4.43
C GLY B 72 12.53 -7.33 4.33
N PRO B 73 12.55 -6.81 3.10
CA PRO B 73 12.49 -5.36 2.89
C PRO B 73 11.09 -4.76 2.81
N GLU B 74 10.03 -5.57 2.94
CA GLU B 74 8.66 -5.07 2.74
C GLU B 74 8.38 -3.82 3.58
N PHE B 75 8.60 -3.90 4.90
CA PHE B 75 8.26 -2.78 5.79
C PHE B 75 9.18 -1.60 5.57
N THR B 76 10.48 -1.87 5.40
CA THR B 76 11.42 -0.81 5.06
C THR B 76 10.97 -0.07 3.81
N ARG B 77 10.50 -0.81 2.81
CA ARG B 77 10.05 -0.21 1.56
C ARG B 77 8.82 0.68 1.82
N GLU B 78 7.80 0.10 2.45
CA GLU B 78 6.54 0.84 2.58
C GLU B 78 6.74 2.14 3.34
N PHE B 79 7.64 2.13 4.33
CA PHE B 79 7.83 3.31 5.16
C PHE B 79 8.56 4.43 4.47
N GLU B 80 9.48 4.10 3.55
CA GLU B 80 10.24 5.13 2.86
C GLU B 80 9.33 6.20 2.25
N SER B 81 8.18 5.80 1.69
CA SER B 81 7.31 6.74 1.00
C SER B 81 6.54 7.62 1.97
N VAL B 82 6.54 7.28 3.25
CA VAL B 82 5.78 7.97 4.29
C VAL B 82 6.67 8.87 5.16
N LEU B 83 7.96 8.53 5.26
CA LEU B 83 8.78 9.03 6.37
C LEU B 83 9.06 10.53 6.26
N VAL B 84 9.36 11.04 5.07
CA VAL B 84 9.61 12.48 4.93
C VAL B 84 8.42 13.28 5.44
N ASP B 85 7.21 12.86 5.05
CA ASP B 85 6.00 13.50 5.55
C ASP B 85 5.85 13.31 7.05
N ALA B 86 5.81 12.06 7.50
CA ALA B 86 5.88 11.75 8.94
C ALA B 86 6.77 12.74 9.71
N PHE B 87 8.07 12.80 9.39
CA PHE B 87 8.97 13.66 10.16
C PHE B 87 8.60 15.12 10.02
N SER B 88 8.27 15.56 8.80
CA SER B 88 7.92 16.96 8.61
C SER B 88 6.79 17.36 9.53
N HIS B 89 5.87 16.43 9.79
CA HIS B 89 4.71 16.75 10.61
C HIS B 89 5.08 16.85 12.08
N VAL B 90 5.79 15.85 12.61
CA VAL B 90 6.21 15.88 14.00
C VAL B 90 7.26 16.97 14.25
N ALA B 91 8.03 17.36 13.23
CA ALA B 91 8.86 18.56 13.29
C ALA B 91 8.00 19.76 13.66
N ARG B 92 7.14 20.23 12.76
CA ARG B 92 6.07 21.14 13.15
C ARG B 92 5.37 20.59 14.38
N GLU B 93 4.72 21.44 15.16
CA GLU B 93 4.30 21.05 16.50
C GLU B 93 5.52 20.73 17.36
N ALA B 94 6.68 21.31 16.96
CA ALA B 94 7.72 21.66 17.91
C ALA B 94 7.33 22.90 18.70
N ASP B 95 6.25 23.55 18.29
CA ASP B 95 5.84 24.84 18.84
C ASP B 95 5.22 24.57 20.18
N PRO B 101 14.90 14.56 20.90
CA PRO B 101 14.47 13.16 20.84
C PRO B 101 14.19 12.70 19.41
N LEU B 102 13.76 13.62 18.55
CA LEU B 102 13.58 13.29 17.16
C LEU B 102 14.90 13.31 16.42
N GLU B 103 15.64 14.41 16.50
CA GLU B 103 17.02 14.44 16.03
C GLU B 103 17.75 13.16 16.41
N ARG B 104 17.58 12.72 17.66
CA ARG B 104 18.31 11.56 18.16
C ARG B 104 18.03 10.36 17.26
N LEU B 105 16.75 10.09 17.02
CA LEU B 105 16.37 8.98 16.18
C LEU B 105 17.07 9.00 14.82
N LEU B 106 17.21 10.16 14.20
CA LEU B 106 17.70 10.10 12.83
C LEU B 106 19.14 9.60 12.82
N ASN B 107 19.94 10.02 13.82
CA ASN B 107 21.34 9.62 13.92
C ASN B 107 21.48 8.10 13.87
N ILE B 108 20.86 7.41 14.85
CA ILE B 108 20.84 5.95 14.85
C ILE B 108 20.50 5.35 13.50
N TRP B 109 19.61 5.98 12.71
CA TRP B 109 19.29 5.41 11.41
C TRP B 109 20.44 5.54 10.42
N GLN B 110 21.30 6.55 10.58
CA GLN B 110 22.48 6.62 9.73
C GLN B 110 23.48 5.51 10.09
N GLU B 111 23.85 5.42 11.36
CA GLU B 111 24.91 4.50 11.77
C GLU B 111 24.53 3.06 11.45
N ARG B 112 23.29 2.66 11.74
CA ARG B 112 22.95 1.26 11.53
C ARG B 112 22.62 0.96 10.08
N SER B 113 22.87 1.93 9.19
CA SER B 113 22.55 1.83 7.76
C SER B 113 21.11 1.34 7.52
N VAL B 114 20.20 1.81 8.37
CA VAL B 114 18.77 1.51 8.21
C VAL B 114 18.25 2.08 6.89
N TYR B 115 18.69 3.27 6.53
CA TYR B 115 18.42 3.84 5.22
C TYR B 115 19.71 4.42 4.66
N GLY B 116 19.80 4.45 3.33
CA GLY B 116 20.93 5.12 2.70
C GLY B 116 20.99 6.58 3.08
N GLY B 117 22.21 7.14 3.09
CA GLY B 117 22.40 8.52 3.53
C GLY B 117 21.64 9.56 2.72
N GLU B 118 21.47 9.32 1.41
CA GLU B 118 20.62 10.11 0.51
C GLU B 118 19.22 10.36 1.07
N PHE B 119 18.59 9.34 1.63
CA PHE B 119 17.29 9.47 2.27
C PHE B 119 17.42 10.06 3.66
N ILE B 120 18.33 9.51 4.47
CA ILE B 120 18.75 10.16 5.72
C ILE B 120 18.87 11.66 5.56
N GLN B 121 19.56 12.09 4.50
CA GLN B 121 19.66 13.51 4.19
C GLN B 121 18.27 14.14 4.08
N GLN B 122 17.43 13.64 3.15
CA GLN B 122 16.05 14.10 2.97
C GLN B 122 15.30 14.20 4.28
N LEU B 123 15.40 13.14 5.09
CA LEU B 123 14.74 13.13 6.39
C LEU B 123 15.21 14.28 7.28
N LYS B 124 16.52 14.56 7.33
CA LYS B 124 16.95 15.70 8.14
C LYS B 124 16.36 16.98 7.57
N LEU B 125 16.35 17.13 6.24
CA LEU B 125 15.88 18.37 5.65
C LEU B 125 14.39 18.58 5.87
N SER B 126 13.62 17.50 5.98
CA SER B 126 12.20 17.65 6.28
C SER B 126 11.94 18.28 7.65
N MET B 127 12.96 18.49 8.48
CA MET B 127 12.71 18.94 9.83
C MET B 127 13.01 20.43 10.02
N GLU B 128 12.95 21.23 8.94
CA GLU B 128 13.19 22.67 9.01
C GLU B 128 12.20 23.44 8.15
N THR C 3 -15.94 11.97 -25.21
CA THR C 3 -15.53 11.00 -24.21
C THR C 3 -15.58 9.57 -24.76
N SER C 4 -14.46 8.85 -24.56
CA SER C 4 -14.23 7.49 -25.06
C SER C 4 -15.21 6.51 -24.43
N PRO C 5 -15.34 5.29 -24.98
CA PRO C 5 -16.16 4.27 -24.33
C PRO C 5 -15.55 3.78 -23.02
N SER C 6 -16.42 3.42 -22.09
CA SER C 6 -16.01 3.06 -20.73
C SER C 6 -15.37 1.67 -20.70
N TYR C 7 -14.31 1.53 -19.88
CA TYR C 7 -13.58 0.26 -19.83
C TYR C 7 -14.49 -0.90 -19.48
N SER C 8 -14.23 -2.05 -20.08
CA SER C 8 -14.98 -3.19 -19.71
C SER C 8 -14.02 -4.27 -19.27
N PRO C 9 -14.23 -4.86 -18.10
CA PRO C 9 -13.29 -5.81 -17.53
C PRO C 9 -13.09 -7.01 -18.43
N SER C 11 -12.97 -6.89 -21.89
CA SER C 11 -12.23 -6.54 -23.13
C SER C 11 -10.89 -7.29 -23.37
N PRO C 12 -10.09 -7.55 -22.32
CA PRO C 12 -8.92 -8.43 -22.49
C PRO C 12 -9.23 -9.71 -23.24
N SER C 13 -8.28 -10.17 -24.05
CA SER C 13 -8.47 -11.37 -24.85
C SER C 13 -8.21 -12.64 -24.03
N TYR C 14 -9.22 -13.50 -23.99
CA TYR C 14 -9.24 -14.80 -23.31
C TYR C 14 -8.96 -16.01 -24.20
#